data_8X9C
#
_entry.id   8X9C
#
_cell.length_a   56.650
_cell.length_b   118.960
_cell.length_c   65.600
_cell.angle_alpha   90.00
_cell.angle_beta   111.53
_cell.angle_gamma   90.00
#
_symmetry.space_group_name_H-M   'P 1 21 1'
#
loop_
_entity.id
_entity.type
_entity.pdbx_description
1 polymer 'Terpenoid synthase'
2 water water
#
_entity_poly.entity_id   1
_entity_poly.type   'polypeptide(L)'
_entity_poly.pdbx_seq_one_letter_code
;MQVAPTSSPAGPVSAIPSVFETLQGYKVPVFFSRYPAGISIAAQEVEDALRKIDEEASEEGTRERRRALIRHTNPYGDPF
TICHCSAFPDRLALLSCLVEVMWIHDDVTEEMDHISACREHDELAKVLQLDIDPSKFESGNVRQKSLAVVLRKAIDIDPK
QAPAMIEMLRHYLATFDNIGGDFTRMEEYMPYRIANCGYWMSSYFIRWGMDMTLSEEEYASIEQFDIAMGNVLGLTNDYF
SWNIEKDQETDRMRNGVVVLMKEHHTTADAAKMMLLGVIVEQESLAAKLKEERLKKPASKEILQYFEAIELYVGGSCYWH
STAPRYQVFE
;
_entity_poly.pdbx_strand_id   A,B
#
# COMPACT_ATOMS: atom_id res chain seq x y z
N SER A 14 -17.81 -2.10 -15.31
CA SER A 14 -18.16 -1.02 -14.37
C SER A 14 -19.68 -0.89 -14.24
N ALA A 15 -20.13 -0.56 -13.03
CA ALA A 15 -21.54 -0.32 -12.76
C ALA A 15 -21.88 1.16 -12.71
N ILE A 16 -20.89 2.03 -12.94
CA ILE A 16 -21.03 3.48 -12.85
C ILE A 16 -21.10 4.01 -14.28
N PRO A 17 -21.91 5.05 -14.55
CA PRO A 17 -21.83 5.69 -15.87
C PRO A 17 -20.43 6.18 -16.18
N SER A 18 -20.15 6.28 -17.48
CA SER A 18 -18.80 6.70 -17.96
C SER A 18 -18.64 8.21 -17.78
N VAL A 19 -18.37 8.65 -16.56
CA VAL A 19 -18.23 10.07 -16.28
C VAL A 19 -16.86 10.41 -15.70
N PHE A 20 -15.91 9.49 -15.76
CA PHE A 20 -14.58 9.80 -15.24
C PHE A 20 -13.51 9.11 -16.07
N GLU A 21 -12.30 9.65 -15.99
CA GLU A 21 -11.11 9.04 -16.55
C GLU A 21 -10.26 8.50 -15.41
N THR A 22 -9.63 7.34 -15.63
CA THR A 22 -8.79 6.72 -14.61
C THR A 22 -7.46 7.45 -14.50
N LEU A 23 -7.00 7.64 -13.26
CA LEU A 23 -5.68 8.22 -13.01
C LEU A 23 -4.66 7.13 -12.71
N GLN A 24 -3.42 7.38 -13.10
CA GLN A 24 -2.35 6.40 -12.91
C GLN A 24 -1.67 6.71 -11.58
N GLY A 25 -2.19 6.12 -10.50
CA GLY A 25 -1.66 6.40 -9.18
C GLY A 25 -0.27 5.85 -8.98
N TYR A 26 0.07 4.79 -9.72
CA TYR A 26 1.40 4.19 -9.57
C TYR A 26 2.50 5.17 -9.92
N LYS A 27 2.19 6.21 -10.71
CA LYS A 27 3.18 7.21 -11.09
C LYS A 27 3.52 8.16 -9.95
N VAL A 28 2.76 8.15 -8.85
CA VAL A 28 2.99 9.05 -7.73
C VAL A 28 3.65 8.24 -6.61
N PRO A 29 4.96 8.43 -6.32
CA PRO A 29 5.61 7.62 -5.30
C PRO A 29 4.91 7.65 -3.93
N VAL A 30 4.41 8.81 -3.54
CA VAL A 30 3.80 8.95 -2.23
C VAL A 30 2.42 8.28 -2.14
N PHE A 31 1.76 8.07 -3.27
CA PHE A 31 0.45 7.43 -3.29
C PHE A 31 0.57 5.95 -2.93
N PHE A 32 -0.02 5.54 -1.80
CA PHE A 32 0.15 4.18 -1.32
C PHE A 32 -1.14 3.36 -1.34
N SER A 33 -2.28 3.97 -1.66
CA SER A 33 -3.55 3.26 -1.53
C SER A 33 -3.65 2.14 -2.56
N ARG A 34 -4.31 1.05 -2.16
CA ARG A 34 -4.68 -0.03 -3.07
C ARG A 34 -5.90 0.31 -3.92
N TYR A 35 -6.59 1.44 -3.61
CA TYR A 35 -7.83 1.75 -4.29
C TYR A 35 -7.58 2.71 -5.45
N PRO A 36 -8.44 2.68 -6.45
CA PRO A 36 -8.21 3.47 -7.67
C PRO A 36 -8.58 4.95 -7.48
N ALA A 37 -8.12 5.75 -8.43
CA ALA A 37 -8.46 7.17 -8.50
C ALA A 37 -8.88 7.50 -9.91
N GLY A 38 -9.86 8.40 -10.03
CA GLY A 38 -10.31 8.88 -11.31
C GLY A 38 -10.58 10.37 -11.24
N ILE A 39 -11.00 10.91 -12.41
CA ILE A 39 -11.27 12.34 -12.36
C ILE A 39 -12.48 12.66 -13.24
N SER A 40 -13.27 13.52 -12.92
CA SER A 40 -14.54 13.69 -13.59
C SER A 40 -14.32 14.34 -14.96
N ILE A 41 -15.08 13.86 -15.95
CA ILE A 41 -15.11 14.51 -17.26
C ILE A 41 -15.56 15.96 -17.18
N ALA A 42 -16.25 16.35 -16.11
CA ALA A 42 -16.73 17.72 -15.94
C ALA A 42 -15.84 18.53 -15.00
N ALA A 43 -14.57 18.16 -14.87
CA ALA A 43 -13.68 18.82 -13.89
C ALA A 43 -13.67 20.33 -14.07
N GLN A 44 -13.49 20.79 -15.31
CA GLN A 44 -13.35 22.23 -15.52
C GLN A 44 -14.57 22.98 -15.01
N GLU A 45 -15.77 22.50 -15.36
CA GLU A 45 -17.00 23.19 -14.99
C GLU A 45 -17.20 23.18 -13.47
N VAL A 46 -16.84 22.07 -12.82
CA VAL A 46 -16.96 21.96 -11.37
C VAL A 46 -15.96 22.89 -10.68
N GLU A 47 -14.74 22.92 -11.15
CA GLU A 47 -13.75 23.87 -10.56
C GLU A 47 -14.27 25.31 -10.69
N ASP A 48 -14.85 25.64 -11.85
CA ASP A 48 -15.39 26.97 -12.02
C ASP A 48 -16.53 27.25 -11.02
N ALA A 49 -17.42 26.29 -10.81
CA ALA A 49 -18.47 26.47 -9.82
C ALA A 49 -17.88 26.63 -8.42
N LEU A 50 -16.84 25.86 -8.11
CA LEU A 50 -16.24 25.94 -6.78
C LEU A 50 -15.57 27.28 -6.56
N ARG A 51 -14.94 27.83 -7.61
CA ARG A 51 -14.30 29.16 -7.47
C ARG A 51 -15.38 30.21 -7.15
N LYS A 52 -16.51 30.12 -7.83
CA LYS A 52 -17.62 31.08 -7.61
C LYS A 52 -18.10 30.98 -6.18
N ILE A 53 -18.37 29.76 -5.71
CA ILE A 53 -18.95 29.62 -4.34
C ILE A 53 -17.89 30.07 -3.32
N ASP A 54 -16.62 29.85 -3.62
CA ASP A 54 -15.59 30.28 -2.67
C ASP A 54 -15.59 31.81 -2.51
N GLU A 55 -15.80 32.54 -3.62
CA GLU A 55 -15.80 33.99 -3.53
C GLU A 55 -17.06 34.52 -2.85
N GLU A 56 -18.11 33.72 -2.77
CA GLU A 56 -19.34 34.14 -2.11
C GLU A 56 -19.45 33.64 -0.67
N ALA A 57 -18.85 32.48 -0.36
CA ALA A 57 -18.99 31.86 0.96
C ALA A 57 -17.83 32.17 1.90
N SER A 58 -16.83 32.91 1.44
CA SER A 58 -15.73 33.36 2.28
C SER A 58 -15.38 34.79 1.92
N GLU A 59 -15.06 35.60 2.91
CA GLU A 59 -14.78 37.00 2.64
C GLU A 59 -13.34 37.19 2.23
N GLU A 60 -13.12 38.16 1.37
CA GLU A 60 -11.80 38.48 0.86
C GLU A 60 -10.86 38.80 2.02
N GLY A 61 -9.61 38.35 1.89
CA GLY A 61 -8.60 38.62 2.90
C GLY A 61 -8.70 37.80 4.16
N THR A 62 -9.73 36.97 4.31
CA THR A 62 -9.84 36.14 5.50
C THR A 62 -8.98 34.88 5.34
N ARG A 63 -8.73 34.25 6.49
CA ARG A 63 -7.97 33.00 6.49
C ARG A 63 -8.72 31.91 5.73
N GLU A 64 -10.04 31.85 5.92
CA GLU A 64 -10.82 30.81 5.27
C GLU A 64 -10.81 30.97 3.75
N ARG A 65 -10.80 32.21 3.26
CA ARG A 65 -10.64 32.43 1.82
C ARG A 65 -9.32 31.88 1.32
N ARG A 66 -8.23 32.12 2.06
CA ARG A 66 -6.93 31.59 1.65
C ARG A 66 -6.92 30.07 1.68
N ARG A 67 -7.49 29.47 2.72
CA ARG A 67 -7.51 28.01 2.82
C ARG A 67 -8.35 27.40 1.71
N ALA A 68 -9.41 28.09 1.30
CA ALA A 68 -10.25 27.57 0.20
C ALA A 68 -9.47 27.58 -1.11
N LEU A 69 -8.66 28.61 -1.33
CA LEU A 69 -7.92 28.73 -2.62
C LEU A 69 -6.83 27.66 -2.68
N ILE A 70 -6.12 27.44 -1.58
CA ILE A 70 -5.11 26.35 -1.55
C ILE A 70 -5.80 25.02 -1.87
N ARG A 71 -6.99 24.81 -1.32
CA ARG A 71 -7.72 23.53 -1.51
C ARG A 71 -8.01 23.31 -3.00
N HIS A 72 -8.03 24.38 -3.79
CA HIS A 72 -8.40 24.18 -5.19
C HIS A 72 -7.28 24.57 -6.15
N THR A 73 -6.02 24.40 -5.74
CA THR A 73 -4.91 24.73 -6.62
C THR A 73 -3.93 23.57 -6.78
N ASN A 74 -4.36 22.35 -6.53
CA ASN A 74 -3.50 21.20 -6.81
C ASN A 74 -3.38 21.05 -8.32
N PRO A 75 -2.19 21.10 -8.90
CA PRO A 75 -2.06 20.94 -10.36
C PRO A 75 -2.56 19.59 -10.86
N TYR A 76 -2.64 18.59 -9.99
CA TYR A 76 -3.05 17.25 -10.37
C TYR A 76 -4.55 17.03 -10.30
N GLY A 77 -5.31 17.98 -9.79
CA GLY A 77 -6.76 17.88 -9.80
C GLY A 77 -7.33 18.36 -8.49
N ASP A 78 -8.56 18.59 -8.50
CA ASP A 78 -9.38 19.10 -7.40
C ASP A 78 -9.85 17.96 -6.50
N PRO A 79 -9.98 18.20 -5.20
CA PRO A 79 -10.49 17.14 -4.32
C PRO A 79 -11.87 16.66 -4.72
N PHE A 80 -12.74 17.55 -5.20
CA PHE A 80 -14.09 17.12 -5.55
C PHE A 80 -14.13 16.38 -6.88
N THR A 81 -13.41 16.86 -7.88
CA THR A 81 -13.50 16.23 -9.19
C THR A 81 -12.81 14.88 -9.19
N ILE A 82 -11.88 14.66 -8.26
CA ILE A 82 -11.23 13.37 -8.12
C ILE A 82 -12.05 12.46 -7.21
N CYS A 83 -12.26 12.88 -5.96
CA CYS A 83 -12.92 11.96 -5.00
C CYS A 83 -14.35 11.62 -5.42
N HIS A 84 -15.07 12.59 -5.96
CA HIS A 84 -16.44 12.38 -6.38
C HIS A 84 -16.57 12.19 -7.88
N CYS A 85 -15.52 11.65 -8.52
CA CYS A 85 -15.51 11.47 -9.97
C CYS A 85 -16.62 10.54 -10.47
N SER A 86 -17.20 9.72 -9.59
CA SER A 86 -18.28 8.81 -9.96
C SER A 86 -19.62 9.50 -10.17
N ALA A 87 -19.76 10.76 -9.77
CA ALA A 87 -21.06 11.43 -9.78
C ALA A 87 -21.44 11.93 -11.17
N PHE A 88 -22.75 11.94 -11.45
CA PHE A 88 -23.22 12.64 -12.64
C PHE A 88 -22.80 14.10 -12.57
N PRO A 89 -22.33 14.69 -13.68
CA PRO A 89 -21.81 16.08 -13.63
C PRO A 89 -22.74 17.11 -13.02
N ASP A 90 -24.05 17.08 -13.32
CA ASP A 90 -24.89 18.13 -12.75
C ASP A 90 -25.00 17.98 -11.24
N ARG A 91 -25.12 16.75 -10.75
CA ARG A 91 -25.11 16.52 -9.31
C ARG A 91 -23.75 16.83 -8.72
N LEU A 92 -22.67 16.53 -9.47
CA LEU A 92 -21.33 16.79 -8.95
C LEU A 92 -21.12 18.27 -8.65
N ALA A 93 -21.56 19.15 -9.56
CA ALA A 93 -21.41 20.58 -9.34
C ALA A 93 -22.13 21.01 -8.06
N LEU A 94 -23.32 20.46 -7.81
CA LEU A 94 -24.13 20.87 -6.67
C LEU A 94 -23.52 20.35 -5.37
N LEU A 95 -23.25 19.04 -5.31
CA LEU A 95 -22.75 18.48 -4.06
C LEU A 95 -21.35 19.01 -3.75
N SER A 96 -20.55 19.27 -4.78
CA SER A 96 -19.22 19.82 -4.53
C SER A 96 -19.31 21.19 -3.90
N CYS A 97 -20.18 22.05 -4.43
CA CYS A 97 -20.32 23.39 -3.87
C CYS A 97 -20.96 23.37 -2.49
N LEU A 98 -21.91 22.45 -2.27
CA LEU A 98 -22.53 22.32 -0.96
C LEU A 98 -21.51 21.88 0.07
N VAL A 99 -20.79 20.80 -0.22
CA VAL A 99 -19.78 20.32 0.72
C VAL A 99 -18.69 21.38 0.91
N GLU A 100 -18.37 22.11 -0.17
CA GLU A 100 -17.36 23.16 -0.05
C GLU A 100 -17.76 24.22 0.98
N VAL A 101 -19.05 24.59 1.04
CA VAL A 101 -19.45 25.54 2.08
C VAL A 101 -19.25 24.93 3.46
N MET A 102 -19.54 23.65 3.59
CA MET A 102 -19.31 22.96 4.87
C MET A 102 -17.81 22.95 5.19
N TRP A 103 -16.97 22.82 4.16
CA TRP A 103 -15.53 22.80 4.39
C TRP A 103 -15.02 24.17 4.82
N ILE A 104 -15.49 25.22 4.14
CA ILE A 104 -15.20 26.59 4.59
C ILE A 104 -15.62 26.76 6.04
N HIS A 105 -16.82 26.30 6.37
CA HIS A 105 -17.33 26.38 7.74
C HIS A 105 -16.43 25.63 8.71
N ASP A 106 -15.93 24.47 8.31
CA ASP A 106 -15.01 23.71 9.14
C ASP A 106 -13.75 24.51 9.41
N ASP A 107 -13.23 25.19 8.38
CA ASP A 107 -12.01 25.98 8.56
C ASP A 107 -12.29 27.17 9.47
N VAL A 108 -13.46 27.79 9.31
CA VAL A 108 -13.80 28.95 10.16
C VAL A 108 -13.90 28.53 11.61
N THR A 109 -14.59 27.42 11.88
CA THR A 109 -14.86 27.02 13.26
C THR A 109 -13.71 26.30 13.92
N GLU A 110 -12.76 25.76 13.13
CA GLU A 110 -11.58 25.15 13.73
C GLU A 110 -10.80 26.14 14.56
N GLU A 111 -10.79 27.40 14.14
CA GLU A 111 -9.99 28.45 14.83
C GLU A 111 -10.75 29.06 16.00
N MET A 112 -11.90 28.51 16.34
CA MET A 112 -12.75 29.05 17.39
C MET A 112 -12.63 28.22 18.67
N ASP A 113 -12.92 28.85 19.79
CA ASP A 113 -13.12 28.09 21.01
C ASP A 113 -14.33 27.17 20.84
N HIS A 114 -14.42 26.15 21.69
CA HIS A 114 -15.45 25.15 21.48
C HIS A 114 -16.86 25.75 21.65
N ILE A 115 -17.03 26.69 22.58
CA ILE A 115 -18.35 27.30 22.74
C ILE A 115 -18.76 28.04 21.48
N SER A 116 -17.87 28.88 20.95
CA SER A 116 -18.22 29.66 19.77
C SER A 116 -18.40 28.77 18.55
N ALA A 117 -17.58 27.74 18.41
CA ALA A 117 -17.76 26.82 17.28
C ALA A 117 -19.14 26.18 17.31
N CYS A 118 -19.54 25.68 18.48
CA CYS A 118 -20.83 25.01 18.62
C CYS A 118 -21.98 25.96 18.28
N ARG A 119 -21.84 27.23 18.67
CA ARG A 119 -22.89 28.23 18.34
C ARG A 119 -22.93 28.44 16.82
N GLU A 120 -21.76 28.45 16.20
CA GLU A 120 -21.73 28.66 14.75
C GLU A 120 -22.34 27.47 14.01
N HIS A 121 -22.16 26.25 14.52
CA HIS A 121 -22.79 25.09 13.89
C HIS A 121 -24.31 25.20 13.98
N ASP A 122 -24.81 25.63 15.14
CA ASP A 122 -26.25 25.78 15.31
C ASP A 122 -26.79 26.89 14.43
N GLU A 123 -26.02 27.95 14.23
CA GLU A 123 -26.48 29.06 13.36
C GLU A 123 -26.55 28.57 11.91
N LEU A 124 -25.51 27.87 11.46
CA LEU A 124 -25.56 27.37 10.08
C LEU A 124 -26.71 26.39 9.88
N ALA A 125 -26.98 25.55 10.89
CA ALA A 125 -28.03 24.56 10.73
C ALA A 125 -29.42 25.16 10.58
N LYS A 126 -29.61 26.44 10.88
CA LYS A 126 -30.94 27.06 10.67
C LYS A 126 -31.33 27.01 9.18
N VAL A 127 -30.34 26.93 8.29
CA VAL A 127 -30.57 26.93 6.86
C VAL A 127 -31.05 25.57 6.36
N LEU A 128 -30.87 24.52 7.15
CA LEU A 128 -31.13 23.15 6.74
C LEU A 128 -32.60 22.84 6.90
N GLN A 129 -33.40 23.37 5.96
CA GLN A 129 -34.84 23.19 5.97
C GLN A 129 -35.31 22.74 4.59
N LEU A 130 -36.24 21.77 4.59
CA LEU A 130 -36.81 21.28 3.35
C LEU A 130 -37.48 22.39 2.54
N ASP A 131 -38.08 23.38 3.22
CA ASP A 131 -38.72 24.51 2.56
C ASP A 131 -37.83 25.74 2.51
N ILE A 132 -36.52 25.55 2.44
CA ILE A 132 -35.58 26.70 2.51
C ILE A 132 -35.90 27.76 1.47
N ASP A 133 -36.01 29.01 1.90
CA ASP A 133 -36.15 30.14 0.98
C ASP A 133 -34.87 30.95 1.16
N PRO A 134 -33.90 30.83 0.24
CA PRO A 134 -32.62 31.49 0.42
C PRO A 134 -32.75 33.00 0.66
N SER A 135 -33.79 33.61 0.08
CA SER A 135 -33.99 35.05 0.24
C SER A 135 -34.19 35.44 1.70
N LYS A 136 -34.67 34.52 2.53
CA LYS A 136 -34.85 34.80 3.94
C LYS A 136 -33.55 34.79 4.72
N PHE A 137 -32.38 34.66 4.10
CA PHE A 137 -31.13 34.65 4.84
C PHE A 137 -30.16 35.72 4.34
N GLU A 138 -30.65 36.74 3.64
CA GLU A 138 -29.78 37.80 3.16
C GLU A 138 -29.16 38.62 4.30
N SER A 139 -29.75 38.59 5.48
CA SER A 139 -29.18 39.24 6.66
C SER A 139 -28.19 38.34 7.39
N GLY A 140 -27.91 37.14 6.88
CA GLY A 140 -27.08 36.18 7.57
C GLY A 140 -25.62 36.24 7.14
N ASN A 141 -24.81 35.41 7.80
CA ASN A 141 -23.41 35.32 7.43
C ASN A 141 -23.28 34.65 6.07
N VAL A 142 -22.11 34.83 5.44
CA VAL A 142 -21.97 34.43 4.05
C VAL A 142 -22.07 32.92 3.86
N ARG A 143 -21.78 32.13 4.89
CA ARG A 143 -21.93 30.68 4.75
C ARG A 143 -23.39 30.28 4.80
N GLN A 144 -24.18 30.95 5.64
CA GLN A 144 -25.62 30.71 5.65
C GLN A 144 -26.23 31.05 4.29
N LYS A 145 -25.87 32.22 3.74
CA LYS A 145 -26.43 32.64 2.46
C LYS A 145 -26.04 31.67 1.35
N SER A 146 -24.78 31.24 1.35
CA SER A 146 -24.33 30.37 0.26
C SER A 146 -24.88 28.97 0.41
N LEU A 147 -24.86 28.42 1.63
CA LEU A 147 -25.44 27.10 1.84
C LEU A 147 -26.92 27.09 1.46
N ALA A 148 -27.66 28.13 1.84
CA ALA A 148 -29.07 28.15 1.50
C ALA A 148 -29.31 28.07 0.00
N VAL A 149 -28.52 28.82 -0.78
CA VAL A 149 -28.73 28.84 -2.23
C VAL A 149 -28.42 27.47 -2.85
N VAL A 150 -27.30 26.85 -2.45
CA VAL A 150 -26.97 25.58 -3.08
C VAL A 150 -27.85 24.45 -2.52
N LEU A 151 -28.25 24.54 -1.26
CA LEU A 151 -29.15 23.53 -0.71
C LEU A 151 -30.50 23.56 -1.42
N ARG A 152 -31.03 24.76 -1.67
CA ARG A 152 -32.24 24.91 -2.46
C ARG A 152 -32.15 24.12 -3.76
N LYS A 153 -31.03 24.29 -4.47
CA LYS A 153 -30.86 23.62 -5.76
C LYS A 153 -30.73 22.12 -5.61
N ALA A 154 -30.03 21.66 -4.56
CA ALA A 154 -29.87 20.23 -4.33
C ALA A 154 -31.19 19.57 -3.93
N ILE A 155 -32.06 20.31 -3.23
CA ILE A 155 -33.42 19.81 -3.01
C ILE A 155 -34.16 19.71 -4.33
N ASP A 156 -34.12 20.78 -5.14
CA ASP A 156 -34.90 20.84 -6.37
C ASP A 156 -34.55 19.70 -7.31
N ILE A 157 -33.26 19.37 -7.40
CA ILE A 157 -32.84 18.36 -8.38
C ILE A 157 -33.25 16.95 -7.99
N ASP A 158 -33.52 16.70 -6.72
CA ASP A 158 -33.90 15.35 -6.26
C ASP A 158 -34.77 15.49 -5.01
N PRO A 159 -36.02 15.91 -5.18
CA PRO A 159 -36.87 16.13 -4.01
C PRO A 159 -37.14 14.86 -3.21
N LYS A 160 -37.13 13.69 -3.87
CA LYS A 160 -37.40 12.45 -3.14
C LYS A 160 -36.31 12.18 -2.10
N GLN A 161 -35.05 12.45 -2.47
CA GLN A 161 -33.91 12.24 -1.57
C GLN A 161 -33.70 13.41 -0.60
N ALA A 162 -34.35 14.55 -0.82
CA ALA A 162 -34.03 15.73 0.00
C ALA A 162 -34.26 15.56 1.49
N PRO A 163 -35.31 14.87 1.97
CA PRO A 163 -35.44 14.69 3.43
C PRO A 163 -34.26 13.96 4.04
N ALA A 164 -33.79 12.91 3.38
CA ALA A 164 -32.63 12.18 3.88
C ALA A 164 -31.37 13.03 3.84
N MET A 165 -31.18 13.78 2.74
CA MET A 165 -30.06 14.72 2.65
C MET A 165 -30.04 15.69 3.82
N ILE A 166 -31.20 16.27 4.10
CA ILE A 166 -31.28 17.30 5.17
C ILE A 166 -31.01 16.63 6.50
N GLU A 167 -31.58 15.45 6.71
CA GLU A 167 -31.28 14.75 7.95
C GLU A 167 -29.80 14.49 8.09
N MET A 168 -29.16 14.09 7.00
CA MET A 168 -27.74 13.80 7.10
C MET A 168 -26.97 15.07 7.45
N LEU A 169 -27.36 16.20 6.87
CA LEU A 169 -26.60 17.43 7.09
C LEU A 169 -26.80 17.95 8.51
N ARG A 170 -28.03 17.81 9.01
CA ARG A 170 -28.30 18.25 10.40
C ARG A 170 -27.52 17.35 11.36
N HIS A 171 -27.49 16.06 11.09
CA HIS A 171 -26.76 15.15 11.95
C HIS A 171 -25.26 15.43 11.89
N TYR A 172 -24.74 15.75 10.70
CA TYR A 172 -23.34 16.14 10.58
C TYR A 172 -23.04 17.34 11.49
N LEU A 173 -23.80 18.42 11.35
CA LEU A 173 -23.44 19.64 12.12
C LEU A 173 -23.63 19.40 13.62
N ALA A 174 -24.56 18.51 13.96
CA ALA A 174 -24.82 18.24 15.37
C ALA A 174 -23.76 17.39 16.03
N THR A 175 -22.98 16.61 15.26
CA THR A 175 -22.11 15.58 15.83
C THR A 175 -20.66 15.61 15.38
N PHE A 176 -20.31 16.24 14.26
CA PHE A 176 -18.97 16.02 13.71
C PHE A 176 -17.88 16.63 14.57
N ASP A 177 -18.23 17.65 15.36
CA ASP A 177 -17.35 18.45 16.20
C ASP A 177 -17.63 18.28 17.69
N ASN A 178 -18.54 17.39 18.07
CA ASN A 178 -19.12 17.38 19.42
C ASN A 178 -18.25 16.57 20.37
N ILE A 179 -17.06 17.11 20.64
CA ILE A 179 -16.14 16.47 21.57
C ILE A 179 -15.56 17.53 22.50
N GLY A 180 -15.27 17.12 23.73
CA GLY A 180 -14.78 18.03 24.75
C GLY A 180 -13.27 18.18 24.86
N GLY A 181 -12.49 17.29 24.28
CA GLY A 181 -11.04 17.40 24.42
C GLY A 181 -10.31 16.30 23.69
N ASP A 182 -9.07 16.06 24.14
CA ASP A 182 -8.13 15.19 23.44
C ASP A 182 -8.43 13.71 23.68
N PHE A 183 -7.99 12.89 22.72
CA PHE A 183 -8.14 11.44 22.80
C PHE A 183 -6.81 10.79 23.13
N THR A 184 -6.88 9.66 23.84
CA THR A 184 -5.69 8.90 24.21
C THR A 184 -5.70 7.44 23.76
N ARG A 185 -6.77 6.96 23.13
CA ARG A 185 -6.76 5.64 22.53
C ARG A 185 -7.44 5.67 21.17
N MET A 186 -6.90 4.92 20.22
CA MET A 186 -7.48 4.90 18.87
C MET A 186 -8.88 4.31 18.92
N GLU A 187 -9.14 3.41 19.87
CA GLU A 187 -10.46 2.77 19.96
C GLU A 187 -11.56 3.81 20.12
N GLU A 188 -11.24 4.94 20.73
CA GLU A 188 -12.16 6.06 20.90
C GLU A 188 -11.99 7.11 19.81
N TYR A 189 -10.74 7.37 19.40
CA TYR A 189 -10.49 8.38 18.38
C TYR A 189 -11.07 7.98 17.04
N MET A 190 -10.94 6.69 16.65
CA MET A 190 -11.32 6.38 15.26
C MET A 190 -12.80 6.58 14.97
N PRO A 191 -13.76 6.14 15.80
CA PRO A 191 -15.17 6.42 15.46
C PRO A 191 -15.46 7.91 15.41
N TYR A 192 -14.86 8.68 16.32
CA TYR A 192 -14.99 10.13 16.27
C TYR A 192 -14.42 10.68 14.97
N ARG A 193 -13.29 10.14 14.52
CA ARG A 193 -12.65 10.76 13.37
C ARG A 193 -13.40 10.47 12.07
N ILE A 194 -14.06 9.31 11.95
CA ILE A 194 -14.87 9.06 10.76
C ILE A 194 -15.91 10.15 10.58
N ALA A 195 -16.57 10.54 11.66
CA ALA A 195 -17.57 11.59 11.56
C ALA A 195 -16.91 12.94 11.37
N ASN A 196 -15.81 13.18 12.09
CA ASN A 196 -15.21 14.51 12.09
C ASN A 196 -14.60 14.87 10.73
N CYS A 197 -14.10 13.88 9.99
CA CYS A 197 -13.55 14.17 8.67
C CYS A 197 -14.65 14.36 7.63
N GLY A 198 -15.90 14.17 8.01
CA GLY A 198 -17.01 14.35 7.11
C GLY A 198 -17.39 13.12 6.30
N TYR A 199 -16.89 11.93 6.67
CA TYR A 199 -17.10 10.75 5.83
C TYR A 199 -18.58 10.42 5.66
N TRP A 200 -19.40 10.59 6.71
CA TRP A 200 -20.80 10.23 6.56
C TRP A 200 -21.53 11.19 5.62
N MET A 201 -21.09 12.44 5.57
CA MET A 201 -21.66 13.36 4.59
C MET A 201 -21.11 13.09 3.19
N SER A 202 -19.79 12.87 3.08
CA SER A 202 -19.21 12.62 1.77
C SER A 202 -19.72 11.31 1.16
N SER A 203 -19.80 10.25 1.97
CA SER A 203 -20.30 8.98 1.43
C SER A 203 -21.78 9.05 1.12
N TYR A 204 -22.55 9.84 1.86
CA TYR A 204 -23.92 10.10 1.44
C TYR A 204 -23.94 10.69 0.04
N PHE A 205 -23.09 11.69 -0.21
CA PHE A 205 -23.12 12.35 -1.51
C PHE A 205 -22.50 11.48 -2.59
N ILE A 206 -21.72 10.46 -2.22
CA ILE A 206 -21.29 9.48 -3.22
C ILE A 206 -22.50 8.78 -3.81
N ARG A 207 -23.44 8.37 -2.95
CA ARG A 207 -24.65 7.73 -3.44
C ARG A 207 -25.54 8.74 -4.15
N TRP A 208 -25.78 9.89 -3.51
CA TRP A 208 -26.66 10.91 -4.09
C TRP A 208 -26.17 11.36 -5.45
N GLY A 209 -24.85 11.55 -5.59
CA GLY A 209 -24.32 11.99 -6.87
C GLY A 209 -24.52 10.99 -8.00
N MET A 210 -24.78 9.72 -7.67
CA MET A 210 -25.01 8.68 -8.66
C MET A 210 -26.51 8.48 -8.88
N ASP A 211 -27.35 9.28 -8.22
CA ASP A 211 -28.81 9.16 -8.30
C ASP A 211 -29.27 7.77 -7.87
N MET A 212 -28.77 7.34 -6.71
CA MET A 212 -29.06 6.01 -6.20
C MET A 212 -29.12 6.03 -4.68
N THR A 213 -29.73 5.00 -4.12
CA THR A 213 -29.73 4.79 -2.67
C THR A 213 -29.49 3.31 -2.40
N LEU A 214 -29.12 3.03 -1.16
CA LEU A 214 -29.11 1.66 -0.65
C LEU A 214 -30.30 1.49 0.27
N SER A 215 -30.92 0.31 0.20
CA SER A 215 -31.97 -0.02 1.15
C SER A 215 -31.39 -0.19 2.54
N GLU A 216 -32.27 -0.23 3.54
CA GLU A 216 -31.85 -0.48 4.91
C GLU A 216 -31.11 -1.80 5.03
N GLU A 217 -31.63 -2.83 4.35
CA GLU A 217 -30.99 -4.15 4.39
C GLU A 217 -29.65 -4.12 3.64
N GLU A 218 -29.62 -3.43 2.50
CA GLU A 218 -28.38 -3.33 1.72
C GLU A 218 -27.30 -2.59 2.50
N TYR A 219 -27.65 -1.44 3.12
CA TYR A 219 -26.63 -0.71 3.86
C TYR A 219 -26.13 -1.52 5.05
N ALA A 220 -27.05 -2.15 5.80
CA ALA A 220 -26.64 -3.00 6.91
C ALA A 220 -25.62 -4.05 6.49
N SER A 221 -25.77 -4.59 5.28
CA SER A 221 -24.91 -5.67 4.79
C SER A 221 -23.49 -5.20 4.48
N ILE A 222 -23.25 -3.90 4.41
CA ILE A 222 -21.92 -3.37 4.08
C ILE A 222 -21.47 -2.35 5.11
N GLU A 223 -22.12 -2.34 6.28
CA GLU A 223 -21.81 -1.33 7.27
C GLU A 223 -20.38 -1.45 7.78
N GLN A 224 -19.92 -2.68 8.03
CA GLN A 224 -18.56 -2.86 8.51
C GLN A 224 -17.56 -2.45 7.43
N PHE A 225 -17.85 -2.80 6.18
CA PHE A 225 -17.05 -2.31 5.05
C PHE A 225 -16.99 -0.80 5.08
N ASP A 226 -18.14 -0.17 5.28
CA ASP A 226 -18.20 1.27 5.16
C ASP A 226 -17.46 1.95 6.31
N ILE A 227 -17.44 1.35 7.50
CA ILE A 227 -16.65 1.87 8.61
C ILE A 227 -15.17 1.73 8.32
N ALA A 228 -14.76 0.60 7.76
CA ALA A 228 -13.35 0.44 7.43
C ALA A 228 -12.91 1.49 6.43
N MET A 229 -13.71 1.75 5.38
CA MET A 229 -13.34 2.80 4.44
C MET A 229 -13.38 4.18 5.06
N GLY A 230 -14.31 4.45 5.97
CA GLY A 230 -14.28 5.73 6.67
C GLY A 230 -13.04 5.90 7.51
N ASN A 231 -12.60 4.82 8.17
CA ASN A 231 -11.32 4.87 8.89
C ASN A 231 -10.17 5.20 7.94
N VAL A 232 -10.11 4.52 6.79
CA VAL A 232 -9.02 4.81 5.85
C VAL A 232 -9.00 6.28 5.48
N LEU A 233 -10.18 6.84 5.18
CA LEU A 233 -10.27 8.21 4.68
C LEU A 233 -9.71 9.21 5.69
N GLY A 234 -10.30 9.24 6.90
CA GLY A 234 -9.90 10.22 7.88
C GLY A 234 -8.49 10.01 8.39
N LEU A 235 -8.09 8.74 8.58
CA LEU A 235 -6.75 8.49 9.10
C LEU A 235 -5.68 8.79 8.05
N THR A 236 -6.00 8.56 6.76
CA THR A 236 -5.11 8.99 5.69
C THR A 236 -5.00 10.50 5.65
N ASN A 237 -6.12 11.20 5.88
CA ASN A 237 -6.07 12.65 6.01
C ASN A 237 -5.11 13.03 7.13
N ASP A 238 -5.19 12.33 8.28
CA ASP A 238 -4.28 12.60 9.39
C ASP A 238 -2.83 12.37 8.98
N TYR A 239 -2.59 11.28 8.25
CA TYR A 239 -1.22 10.89 7.93
C TYR A 239 -0.52 11.98 7.11
N PHE A 240 -1.21 12.49 6.09
CA PHE A 240 -0.64 13.53 5.24
C PHE A 240 -0.62 14.90 5.90
N SER A 241 -1.58 15.18 6.78
CA SER A 241 -1.63 16.49 7.46
C SER A 241 -0.47 16.62 8.44
N TRP A 242 -0.01 15.51 9.01
CA TRP A 242 1.07 15.55 10.03
C TRP A 242 2.34 16.17 9.45
N ASN A 243 2.51 16.09 8.14
CA ASN A 243 3.70 16.73 7.52
C ASN A 243 3.66 18.22 7.86
N ARG A 254 -5.60 17.64 16.55
CA ARG A 254 -6.45 16.43 16.39
C ARG A 254 -5.83 15.58 15.30
N ASN A 255 -5.15 14.51 15.69
CA ASN A 255 -4.46 13.71 14.68
C ASN A 255 -4.12 12.33 15.23
N GLY A 256 -4.34 11.29 14.43
CA GLY A 256 -4.03 9.95 14.88
C GLY A 256 -2.59 9.77 15.31
N VAL A 257 -1.67 10.54 14.73
CA VAL A 257 -0.27 10.41 15.14
C VAL A 257 -0.11 10.75 16.62
N VAL A 258 -0.76 11.82 17.07
CA VAL A 258 -0.70 12.22 18.48
C VAL A 258 -1.39 11.20 19.36
N VAL A 259 -2.57 10.72 18.95
CA VAL A 259 -3.27 9.70 19.73
C VAL A 259 -2.38 8.48 19.93
N LEU A 260 -1.74 8.03 18.85
CA LEU A 260 -0.90 6.82 18.96
C LEU A 260 0.32 7.10 19.85
N MET A 261 0.90 8.29 19.72
CA MET A 261 2.07 8.67 20.55
C MET A 261 1.66 8.58 22.03
N LYS A 262 0.47 9.08 22.37
CA LYS A 262 0.03 9.07 23.75
C LYS A 262 -0.36 7.66 24.20
N GLU A 263 -1.04 6.91 23.32
CA GLU A 263 -1.49 5.57 23.68
C GLU A 263 -0.33 4.62 23.91
N HIS A 264 0.74 4.74 23.10
CA HIS A 264 1.83 3.78 23.14
C HIS A 264 3.13 4.38 23.64
N HIS A 265 3.12 5.67 23.99
CA HIS A 265 4.29 6.37 24.54
C HIS A 265 5.50 6.25 23.62
N THR A 266 5.32 6.66 22.36
CA THR A 266 6.39 6.57 21.38
C THR A 266 6.71 7.95 20.83
N THR A 267 7.80 8.01 20.06
CA THR A 267 8.12 9.21 19.30
C THR A 267 7.07 9.42 18.21
N ALA A 268 7.10 10.63 17.63
CA ALA A 268 6.19 10.93 16.52
C ALA A 268 6.52 10.10 15.29
N ASP A 269 7.81 9.88 15.00
CA ASP A 269 8.14 9.07 13.83
C ASP A 269 7.65 7.63 13.98
N ALA A 270 7.74 7.07 15.18
CA ALA A 270 7.25 5.72 15.39
C ALA A 270 5.73 5.67 15.27
N ALA A 271 5.05 6.68 15.81
CA ALA A 271 3.60 6.71 15.75
C ALA A 271 3.11 6.95 14.32
N LYS A 272 3.82 7.76 13.55
CA LYS A 272 3.43 7.98 12.14
C LYS A 272 3.55 6.67 11.36
N MET A 273 4.58 5.87 11.67
CA MET A 273 4.72 4.60 11.00
C MET A 273 3.60 3.66 11.44
N MET A 274 3.25 3.70 12.72
CA MET A 274 2.12 2.89 13.22
C MET A 274 0.81 3.33 12.52
N LEU A 275 0.61 4.64 12.39
CA LEU A 275 -0.62 5.12 11.72
C LEU A 275 -0.71 4.58 10.31
N LEU A 276 0.40 4.62 9.56
CA LEU A 276 0.40 4.09 8.20
C LEU A 276 0.04 2.61 8.20
N GLY A 277 0.60 1.85 9.14
CA GLY A 277 0.24 0.44 9.24
C GLY A 277 -1.23 0.26 9.50
N VAL A 278 -1.79 1.05 10.42
CA VAL A 278 -3.22 0.97 10.70
C VAL A 278 -4.03 1.23 9.44
N ILE A 279 -3.65 2.25 8.67
CA ILE A 279 -4.40 2.59 7.46
C ILE A 279 -4.37 1.44 6.46
N VAL A 280 -3.19 0.87 6.26
CA VAL A 280 -3.06 -0.20 5.22
C VAL A 280 -3.88 -1.42 5.66
N GLU A 281 -3.85 -1.75 6.94
CA GLU A 281 -4.65 -2.87 7.46
C GLU A 281 -6.14 -2.58 7.28
N GLN A 282 -6.56 -1.35 7.51
CA GLN A 282 -7.99 -0.99 7.29
C GLN A 282 -8.33 -1.12 5.82
N GLU A 283 -7.39 -0.76 4.94
CA GLU A 283 -7.68 -0.93 3.52
C GLU A 283 -7.81 -2.42 3.20
N SER A 284 -6.98 -3.27 3.82
CA SER A 284 -7.11 -4.71 3.67
C SER A 284 -8.41 -5.23 4.27
N LEU A 285 -8.76 -4.75 5.47
CA LEU A 285 -10.00 -5.16 6.11
C LEU A 285 -11.20 -4.86 5.23
N ALA A 286 -11.24 -3.66 4.64
CA ALA A 286 -12.32 -3.31 3.73
C ALA A 286 -12.39 -4.31 2.57
N ALA A 287 -11.22 -4.66 2.02
CA ALA A 287 -11.21 -5.62 0.92
C ALA A 287 -11.73 -6.99 1.37
N LYS A 288 -11.42 -7.39 2.59
CA LYS A 288 -11.92 -8.68 3.10
C LYS A 288 -13.44 -8.60 3.25
N LEU A 289 -13.93 -7.52 3.86
CA LEU A 289 -15.36 -7.38 4.09
C LEU A 289 -16.13 -7.33 2.76
N LYS A 290 -15.57 -6.68 1.74
CA LYS A 290 -16.23 -6.67 0.44
C LYS A 290 -16.27 -8.08 -0.15
N GLU A 291 -15.16 -8.81 -0.05
CA GLU A 291 -15.14 -10.17 -0.56
C GLU A 291 -16.14 -11.06 0.19
N GLU A 292 -16.31 -10.80 1.48
CA GLU A 292 -17.31 -11.56 2.26
C GLU A 292 -18.72 -11.24 1.75
N ARG A 293 -19.04 -9.96 1.52
CA ARG A 293 -20.38 -9.60 1.08
C ARG A 293 -20.68 -10.16 -0.31
N LEU A 294 -19.68 -10.17 -1.20
CA LEU A 294 -19.89 -10.62 -2.58
C LEU A 294 -20.01 -12.13 -2.70
N LYS A 295 -20.01 -12.84 -1.60
CA LYS A 295 -20.28 -14.31 -1.64
C LYS A 295 -21.80 -14.48 -1.76
N LYS A 296 -22.59 -13.46 -1.38
CA LYS A 296 -24.04 -13.46 -1.48
C LYS A 296 -24.47 -12.60 -2.66
N PRO A 297 -25.68 -12.81 -3.18
CA PRO A 297 -26.16 -11.97 -4.28
C PRO A 297 -26.11 -10.49 -3.91
N ALA A 298 -25.69 -9.68 -4.88
CA ALA A 298 -25.48 -8.26 -4.68
C ALA A 298 -26.16 -7.47 -5.79
N SER A 299 -27.03 -6.54 -5.39
CA SER A 299 -27.71 -5.70 -6.36
C SER A 299 -26.71 -4.79 -7.08
N LYS A 300 -27.16 -4.24 -8.21
CA LYS A 300 -26.37 -3.23 -8.90
C LYS A 300 -26.04 -2.06 -7.98
N GLU A 301 -26.97 -1.70 -7.09
CA GLU A 301 -26.71 -0.61 -6.16
C GLU A 301 -25.55 -0.94 -5.23
N ILE A 302 -25.50 -2.17 -4.71
CA ILE A 302 -24.38 -2.57 -3.86
C ILE A 302 -23.07 -2.51 -4.64
N LEU A 303 -23.12 -2.96 -5.90
CA LEU A 303 -21.87 -2.97 -6.71
C LEU A 303 -21.44 -1.54 -7.05
N GLN A 304 -22.41 -0.66 -7.31
CA GLN A 304 -22.08 0.75 -7.66
C GLN A 304 -21.41 1.42 -6.46
N TYR A 305 -21.94 1.18 -5.27
CA TYR A 305 -21.39 1.85 -4.06
C TYR A 305 -19.97 1.37 -3.81
N PHE A 306 -19.75 0.06 -3.93
CA PHE A 306 -18.38 -0.47 -3.76
C PHE A 306 -17.46 0.27 -4.73
N GLU A 307 -17.82 0.32 -6.01
CA GLU A 307 -16.92 0.92 -6.98
C GLU A 307 -16.70 2.40 -6.68
N ALA A 308 -17.77 3.12 -6.34
CA ALA A 308 -17.68 4.56 -6.18
C ALA A 308 -16.96 4.94 -4.89
N ILE A 309 -17.17 4.17 -3.82
CA ILE A 309 -16.52 4.50 -2.56
C ILE A 309 -15.04 4.12 -2.62
N GLU A 310 -14.68 3.13 -3.43
CA GLU A 310 -13.24 2.85 -3.58
C GLU A 310 -12.59 4.02 -4.34
N LEU A 311 -13.25 4.54 -5.36
CA LEU A 311 -12.72 5.72 -6.05
C LEU A 311 -12.64 6.92 -5.12
N TYR A 312 -13.58 7.04 -4.20
CA TYR A 312 -13.56 8.18 -3.25
C TYR A 312 -12.34 8.05 -2.34
N VAL A 313 -12.11 6.86 -1.80
CA VAL A 313 -11.00 6.69 -0.87
C VAL A 313 -9.66 6.72 -1.60
N GLY A 314 -9.55 5.98 -2.71
CA GLY A 314 -8.31 6.03 -3.47
C GLY A 314 -8.05 7.43 -4.02
N GLY A 315 -9.11 8.09 -4.48
CA GLY A 315 -8.95 9.45 -4.97
C GLY A 315 -8.50 10.42 -3.90
N SER A 316 -9.04 10.28 -2.68
CA SER A 316 -8.56 11.13 -1.59
C SER A 316 -7.09 10.90 -1.32
N CYS A 317 -6.66 9.64 -1.30
CA CYS A 317 -5.23 9.37 -1.12
C CYS A 317 -4.41 10.02 -2.24
N TYR A 318 -4.88 9.88 -3.49
CA TYR A 318 -4.20 10.48 -4.62
C TYR A 318 -4.11 12.01 -4.48
N TRP A 319 -5.22 12.65 -4.11
CA TRP A 319 -5.17 14.11 -3.97
C TRP A 319 -4.18 14.54 -2.90
N HIS A 320 -4.22 13.90 -1.74
CA HIS A 320 -3.26 14.24 -0.69
C HIS A 320 -1.83 13.95 -1.10
N SER A 321 -1.64 12.92 -1.94
CA SER A 321 -0.30 12.50 -2.34
C SER A 321 0.34 13.45 -3.35
N THR A 322 -0.48 14.27 -4.02
CA THR A 322 0.00 15.17 -5.06
C THR A 322 -0.09 16.62 -4.67
N ALA A 323 -0.88 16.95 -3.66
CA ALA A 323 -1.10 18.33 -3.25
C ALA A 323 0.18 18.93 -2.68
N PRO A 324 0.69 20.03 -3.22
CA PRO A 324 1.94 20.69 -2.80
C PRO A 324 1.98 21.06 -1.31
N VAL B 13 4.83 -0.54 -22.25
CA VAL B 13 5.48 -1.62 -23.06
C VAL B 13 6.56 -2.29 -22.21
N SER B 14 6.53 -3.61 -22.11
CA SER B 14 7.51 -4.32 -21.23
C SER B 14 8.92 -4.26 -21.81
N ALA B 15 9.90 -4.10 -20.94
CA ALA B 15 11.30 -4.11 -21.32
C ALA B 15 11.97 -5.46 -21.10
N ILE B 16 11.23 -6.46 -20.62
CA ILE B 16 11.81 -7.74 -20.22
C ILE B 16 11.17 -8.87 -21.01
N PRO B 17 11.68 -10.11 -20.92
CA PRO B 17 11.18 -11.19 -21.78
C PRO B 17 9.70 -11.48 -21.59
N SER B 18 9.03 -11.88 -22.67
CA SER B 18 7.60 -12.26 -22.59
C SER B 18 7.49 -13.72 -22.14
N VAL B 19 7.81 -13.92 -20.85
CA VAL B 19 7.91 -15.26 -20.28
C VAL B 19 7.06 -15.40 -19.04
N PHE B 20 6.10 -14.50 -18.81
CA PHE B 20 5.26 -14.59 -17.62
C PHE B 20 3.89 -14.00 -17.92
N GLU B 21 2.91 -14.43 -17.14
CA GLU B 21 1.57 -13.87 -17.16
C GLU B 21 1.37 -13.07 -15.88
N THR B 22 0.62 -11.97 -15.98
CA THR B 22 0.40 -11.14 -14.80
C THR B 22 -0.60 -11.78 -13.84
N LEU B 23 -0.38 -11.56 -12.55
CA LEU B 23 -1.30 -11.99 -11.50
C LEU B 23 -2.05 -10.77 -10.97
N GLN B 24 -3.32 -10.96 -10.64
CA GLN B 24 -4.17 -9.84 -10.16
C GLN B 24 -4.19 -9.83 -8.63
N GLY B 25 -3.19 -9.23 -8.00
CA GLY B 25 -3.10 -9.23 -6.53
C GLY B 25 -4.22 -8.46 -5.88
N TYR B 26 -4.84 -7.54 -6.62
CA TYR B 26 -5.98 -6.77 -6.08
C TYR B 26 -7.05 -7.72 -5.55
N LYS B 27 -7.07 -8.95 -6.06
CA LYS B 27 -8.11 -9.92 -5.63
C LYS B 27 -7.71 -10.58 -4.31
N VAL B 28 -6.52 -10.29 -3.78
CA VAL B 28 -6.05 -10.86 -2.52
C VAL B 28 -6.07 -9.76 -1.48
N PRO B 29 -7.01 -9.78 -0.53
CA PRO B 29 -7.11 -8.65 0.41
C PRO B 29 -5.87 -8.43 1.27
N VAL B 30 -5.10 -9.47 1.56
CA VAL B 30 -3.90 -9.32 2.46
C VAL B 30 -2.73 -8.77 1.65
N PHE B 31 -2.79 -8.88 0.34
CA PHE B 31 -1.72 -8.37 -0.53
C PHE B 31 -1.75 -6.84 -0.53
N PHE B 32 -0.70 -6.20 -0.01
CA PHE B 32 -0.68 -4.75 0.12
C PHE B 32 0.34 -4.04 -0.78
N SER B 33 1.19 -4.77 -1.47
CA SER B 33 2.27 -4.14 -2.20
C SER B 33 1.76 -3.29 -3.35
N ARG B 34 2.50 -2.22 -3.64
CA ARG B 34 2.25 -1.44 -4.84
C ARG B 34 2.87 -2.06 -6.09
N TYR B 35 3.73 -3.07 -5.92
CA TYR B 35 4.46 -3.64 -7.03
C TYR B 35 3.73 -4.85 -7.60
N PRO B 36 3.91 -5.13 -8.89
CA PRO B 36 3.14 -6.20 -9.54
C PRO B 36 3.69 -7.59 -9.27
N ALA B 37 2.88 -8.57 -9.68
CA ALA B 37 3.22 -9.97 -9.53
C ALA B 37 2.91 -10.70 -10.83
N GLY B 38 3.73 -11.69 -11.14
CA GLY B 38 3.55 -12.47 -12.35
C GLY B 38 3.92 -13.92 -12.10
N ILE B 39 3.79 -14.79 -13.00
CA ILE B 39 3.96 -16.26 -12.95
C ILE B 39 4.63 -16.74 -14.24
N SER B 40 5.73 -17.41 -14.14
CA SER B 40 6.43 -17.99 -15.28
C SER B 40 5.55 -18.87 -16.15
N ILE B 41 5.72 -18.72 -17.47
CA ILE B 41 5.13 -19.68 -18.39
C ILE B 41 5.74 -21.06 -18.22
N ALA B 42 6.90 -21.17 -17.58
CA ALA B 42 7.57 -22.44 -17.36
C ALA B 42 7.35 -22.97 -15.95
N ALA B 43 6.27 -22.58 -15.29
CA ALA B 43 6.09 -22.89 -13.87
C ALA B 43 6.14 -24.39 -13.60
N GLN B 44 5.47 -25.19 -14.42
CA GLN B 44 5.42 -26.65 -14.10
C GLN B 44 6.82 -27.25 -14.18
N GLU B 45 7.56 -26.92 -15.22
CA GLU B 45 8.89 -27.55 -15.38
C GLU B 45 9.83 -27.15 -14.23
N VAL B 46 9.73 -25.90 -13.78
CA VAL B 46 10.64 -25.42 -12.71
C VAL B 46 10.26 -26.09 -11.40
N GLU B 47 8.95 -26.19 -11.13
CA GLU B 47 8.48 -26.83 -9.88
C GLU B 47 8.93 -28.29 -9.83
N ASP B 48 8.90 -28.98 -10.97
CA ASP B 48 9.33 -30.40 -11.02
C ASP B 48 10.81 -30.48 -10.67
N ALA B 49 11.60 -29.58 -11.24
CA ALA B 49 13.05 -29.55 -10.96
C ALA B 49 13.28 -29.27 -9.47
N LEU B 50 12.49 -28.37 -8.90
CA LEU B 50 12.66 -28.01 -7.48
C LEU B 50 12.27 -29.21 -6.63
N ARG B 51 11.23 -29.93 -7.02
CA ARG B 51 10.79 -31.09 -6.23
C ARG B 51 11.93 -32.11 -6.29
N LYS B 52 12.62 -32.21 -7.41
CA LYS B 52 13.69 -33.22 -7.55
C LYS B 52 14.87 -32.84 -6.65
N ILE B 53 15.33 -31.60 -6.76
CA ILE B 53 16.49 -31.14 -5.95
C ILE B 53 16.14 -31.20 -4.46
N ASP B 54 14.87 -31.00 -4.12
CA ASP B 54 14.49 -31.08 -2.71
C ASP B 54 14.67 -32.49 -2.17
N GLU B 55 14.37 -33.51 -2.98
CA GLU B 55 14.60 -34.88 -2.55
C GLU B 55 16.08 -35.17 -2.37
N GLU B 56 16.93 -34.54 -3.18
CA GLU B 56 18.37 -34.87 -3.17
C GLU B 56 19.16 -34.01 -2.19
N ALA B 57 18.71 -32.80 -1.89
CA ALA B 57 19.48 -31.88 -1.08
C ALA B 57 18.99 -31.80 0.35
N SER B 58 17.90 -32.49 0.68
CA SER B 58 17.48 -32.62 2.06
C SER B 58 17.06 -34.06 2.31
N GLU B 59 17.44 -34.59 3.46
CA GLU B 59 17.15 -35.98 3.77
C GLU B 59 15.72 -36.14 4.26
N GLU B 60 15.12 -37.29 3.93
CA GLU B 60 13.79 -37.60 4.39
C GLU B 60 13.72 -37.52 5.92
N GLY B 61 12.53 -37.18 6.42
CA GLY B 61 12.29 -37.13 7.85
C GLY B 61 12.83 -35.92 8.57
N THR B 62 13.65 -35.10 7.93
CA THR B 62 14.24 -33.95 8.59
C THR B 62 13.31 -32.75 8.54
N ARG B 63 13.55 -31.79 9.43
CA ARG B 63 12.75 -30.56 9.42
C ARG B 63 12.97 -29.76 8.15
N GLU B 64 14.20 -29.75 7.63
CA GLU B 64 14.49 -28.98 6.42
C GLU B 64 13.73 -29.55 5.23
N ARG B 65 13.61 -30.88 5.15
CA ARG B 65 12.82 -31.50 4.11
C ARG B 65 11.37 -31.06 4.21
N ARG B 66 10.81 -31.08 5.42
CA ARG B 66 9.44 -30.66 5.62
C ARG B 66 9.25 -29.20 5.25
N ARG B 67 10.19 -28.33 5.64
CA ARG B 67 10.09 -26.91 5.29
C ARG B 67 10.16 -26.71 3.78
N ALA B 68 10.94 -27.55 3.10
CA ALA B 68 11.02 -27.45 1.65
C ALA B 68 9.69 -27.77 0.99
N LEU B 69 8.95 -28.75 1.53
CA LEU B 69 7.66 -29.07 0.93
C LEU B 69 6.63 -27.98 1.17
N ILE B 70 6.57 -27.43 2.39
CA ILE B 70 5.68 -26.30 2.66
C ILE B 70 5.98 -25.15 1.71
N ARG B 71 7.26 -24.88 1.49
CA ARG B 71 7.68 -23.76 0.65
C ARG B 71 7.27 -23.95 -0.81
N HIS B 72 7.00 -25.20 -1.23
CA HIS B 72 6.61 -25.49 -2.60
C HIS B 72 5.21 -26.10 -2.68
N THR B 73 4.30 -25.68 -1.80
CA THR B 73 2.90 -26.21 -1.80
C THR B 73 1.85 -25.09 -1.81
N ASN B 74 2.26 -23.82 -1.84
CA ASN B 74 1.24 -22.74 -1.95
C ASN B 74 0.43 -22.95 -3.22
N PRO B 75 -0.91 -23.15 -3.13
CA PRO B 75 -1.72 -23.44 -4.29
C PRO B 75 -1.76 -22.23 -5.24
N TYR B 76 -1.38 -21.06 -4.73
CA TYR B 76 -1.43 -19.84 -5.56
C TYR B 76 -0.12 -19.71 -6.34
N GLY B 77 0.85 -20.55 -6.00
CA GLY B 77 2.08 -20.52 -6.78
C GLY B 77 3.35 -20.73 -5.98
N ASP B 78 4.43 -20.97 -6.70
CA ASP B 78 5.74 -21.27 -6.14
C ASP B 78 6.55 -19.99 -5.98
N PRO B 79 7.35 -19.86 -4.91
CA PRO B 79 8.14 -18.63 -4.74
C PRO B 79 9.06 -18.34 -5.90
N PHE B 80 9.64 -19.37 -6.52
CA PHE B 80 10.54 -19.11 -7.65
C PHE B 80 9.80 -18.77 -8.93
N THR B 81 8.71 -19.47 -9.25
CA THR B 81 8.05 -19.17 -10.51
C THR B 81 7.29 -17.86 -10.45
N ILE B 82 7.01 -17.34 -9.26
CA ILE B 82 6.39 -16.03 -9.12
C ILE B 82 7.48 -14.96 -9.05
N CYS B 83 8.32 -15.00 -8.03
CA CYS B 83 9.29 -13.89 -7.83
C CYS B 83 10.31 -13.77 -8.97
N HIS B 84 10.67 -14.89 -9.59
CA HIS B 84 11.66 -14.87 -10.67
C HIS B 84 10.99 -15.09 -12.03
N CYS B 85 9.73 -14.68 -12.13
CA CYS B 85 8.95 -14.90 -13.34
C CYS B 85 9.52 -14.17 -14.55
N SER B 86 10.40 -13.21 -14.34
CA SER B 86 11.03 -12.49 -15.43
C SER B 86 12.14 -13.29 -16.12
N ALA B 87 12.58 -14.41 -15.54
CA ALA B 87 13.77 -15.12 -16.02
C ALA B 87 13.48 -15.96 -17.26
N PHE B 88 14.46 -16.03 -18.17
CA PHE B 88 14.34 -16.99 -19.26
C PHE B 88 14.21 -18.40 -18.67
N PRO B 89 13.33 -19.23 -19.21
CA PRO B 89 12.96 -20.48 -18.52
C PRO B 89 14.10 -21.45 -18.25
N ASP B 90 15.07 -21.60 -19.16
CA ASP B 90 16.16 -22.52 -18.85
C ASP B 90 17.04 -21.98 -17.73
N ARG B 91 17.29 -20.67 -17.73
CA ARG B 91 18.01 -20.06 -16.62
C ARG B 91 17.20 -20.15 -15.33
N LEU B 92 15.87 -19.98 -15.43
CA LEU B 92 15.03 -20.00 -14.24
C LEU B 92 15.12 -21.35 -13.53
N ALA B 93 15.13 -22.45 -14.29
CA ALA B 93 15.26 -23.76 -13.66
C ALA B 93 16.58 -23.88 -12.89
N LEU B 94 17.66 -23.38 -13.48
CA LEU B 94 18.98 -23.48 -12.86
C LEU B 94 19.06 -22.61 -11.61
N LEU B 95 18.71 -21.33 -11.73
CA LEU B 95 18.86 -20.45 -10.58
C LEU B 95 17.92 -20.84 -9.45
N SER B 96 16.72 -21.34 -9.80
CA SER B 96 15.75 -21.73 -8.78
C SER B 96 16.28 -22.89 -7.95
N CYS B 97 16.81 -23.92 -8.60
CA CYS B 97 17.35 -25.04 -7.83
C CYS B 97 18.62 -24.67 -7.08
N LEU B 98 19.46 -23.79 -7.63
CA LEU B 98 20.64 -23.36 -6.89
C LEU B 98 20.25 -22.61 -5.62
N VAL B 99 19.40 -21.59 -5.77
CA VAL B 99 18.95 -20.85 -4.60
C VAL B 99 18.21 -21.76 -3.64
N GLU B 100 17.44 -22.73 -4.17
CA GLU B 100 16.73 -23.64 -3.28
C GLU B 100 17.69 -24.41 -2.39
N VAL B 101 18.84 -24.84 -2.91
CA VAL B 101 19.81 -25.52 -2.05
C VAL B 101 20.30 -24.57 -0.97
N MET B 102 20.55 -23.31 -1.32
CA MET B 102 20.90 -22.30 -0.30
C MET B 102 19.78 -22.13 0.72
N TRP B 103 18.52 -22.20 0.26
CA TRP B 103 17.41 -22.04 1.18
C TRP B 103 17.33 -23.21 2.15
N ILE B 104 17.55 -24.42 1.65
CA ILE B 104 17.64 -25.59 2.53
C ILE B 104 18.76 -25.40 3.54
N HIS B 105 19.90 -24.87 3.07
CA HIS B 105 21.03 -24.64 3.96
C HIS B 105 20.69 -23.62 5.04
N ASP B 106 19.95 -22.58 4.66
CA ASP B 106 19.50 -21.60 5.65
C ASP B 106 18.63 -22.29 6.70
N ASP B 107 17.68 -23.12 6.25
CA ASP B 107 16.82 -23.82 7.19
C ASP B 107 17.62 -24.72 8.12
N VAL B 108 18.61 -25.41 7.57
CA VAL B 108 19.41 -26.34 8.37
C VAL B 108 20.21 -25.61 9.42
N THR B 109 20.81 -24.48 9.03
CA THR B 109 21.74 -23.75 9.93
C THR B 109 20.99 -22.86 10.92
N GLU B 110 19.73 -22.54 10.66
CA GLU B 110 18.93 -21.72 11.59
C GLU B 110 18.72 -22.48 12.90
N GLU B 111 18.63 -23.82 12.84
CA GLU B 111 18.33 -24.59 14.06
C GLU B 111 19.60 -24.89 14.87
N MET B 112 20.76 -24.43 14.41
CA MET B 112 22.03 -24.68 15.07
C MET B 112 22.45 -23.49 15.91
N ASP B 113 23.42 -23.71 16.80
CA ASP B 113 24.08 -22.58 17.43
C ASP B 113 24.93 -21.86 16.39
N HIS B 114 25.23 -20.59 16.67
CA HIS B 114 25.92 -19.76 15.66
C HIS B 114 27.26 -20.36 15.23
N ILE B 115 28.05 -20.82 16.19
CA ILE B 115 29.37 -21.31 15.81
C ILE B 115 29.23 -22.55 14.91
N SER B 116 28.26 -23.41 15.21
CA SER B 116 28.06 -24.59 14.36
C SER B 116 27.52 -24.19 13.00
N ALA B 117 26.64 -23.18 12.95
CA ALA B 117 26.12 -22.74 11.67
C ALA B 117 27.25 -22.21 10.81
N CYS B 118 28.13 -21.40 11.39
CA CYS B 118 29.24 -20.82 10.64
C CYS B 118 30.17 -21.89 10.12
N ARG B 119 30.33 -22.98 10.86
CA ARG B 119 31.17 -24.10 10.37
C ARG B 119 30.52 -24.68 9.12
N GLU B 120 29.20 -24.82 9.15
CA GLU B 120 28.51 -25.39 7.99
C GLU B 120 28.58 -24.44 6.80
N HIS B 121 28.53 -23.13 7.04
CA HIS B 121 28.74 -22.17 5.95
C HIS B 121 30.10 -22.36 5.31
N ASP B 122 31.14 -22.53 6.13
CA ASP B 122 32.48 -22.76 5.59
C ASP B 122 32.54 -24.05 4.79
N GLU B 123 31.84 -25.08 5.25
CA GLU B 123 31.85 -26.38 4.54
C GLU B 123 31.13 -26.24 3.19
N LEU B 124 29.98 -25.59 3.18
CA LEU B 124 29.27 -25.42 1.92
C LEU B 124 30.07 -24.57 0.95
N ALA B 125 30.78 -23.55 1.45
CA ALA B 125 31.57 -22.69 0.58
C ALA B 125 32.64 -23.44 -0.17
N LYS B 126 33.06 -24.60 0.33
CA LYS B 126 34.10 -25.36 -0.40
C LYS B 126 33.68 -25.73 -1.81
N VAL B 127 32.38 -25.77 -2.09
CA VAL B 127 31.89 -26.12 -3.43
C VAL B 127 31.92 -24.93 -4.38
N LEU B 128 31.95 -23.70 -3.86
CA LEU B 128 31.85 -22.50 -4.69
C LEU B 128 33.19 -22.18 -5.33
N GLN B 129 33.49 -22.93 -6.40
CA GLN B 129 34.76 -22.83 -7.11
C GLN B 129 34.47 -22.82 -8.61
N LEU B 130 35.18 -21.97 -9.36
CA LEU B 130 34.95 -21.91 -10.80
C LEU B 130 35.25 -23.24 -11.50
N ASP B 131 36.21 -24.01 -10.98
CA ASP B 131 36.55 -25.31 -11.53
C ASP B 131 35.90 -26.48 -10.79
N ILE B 132 34.77 -26.22 -10.10
CA ILE B 132 34.10 -27.26 -9.33
C ILE B 132 33.93 -28.54 -10.15
N ASP B 133 34.42 -29.64 -9.60
CA ASP B 133 34.17 -30.96 -10.18
C ASP B 133 33.19 -31.65 -9.25
N PRO B 134 31.92 -31.80 -9.64
CA PRO B 134 30.92 -32.32 -8.70
C PRO B 134 31.26 -33.69 -8.12
N SER B 135 31.94 -34.56 -8.88
CA SER B 135 32.26 -35.88 -8.35
C SER B 135 33.14 -35.78 -7.11
N LYS B 136 33.98 -34.75 -7.03
CA LYS B 136 34.89 -34.58 -5.90
C LYS B 136 34.16 -34.31 -4.60
N PHE B 137 32.83 -34.15 -4.65
CA PHE B 137 32.03 -33.91 -3.46
C PHE B 137 30.99 -35.00 -3.27
N GLU B 138 31.25 -36.18 -3.83
CA GLU B 138 30.26 -37.27 -3.74
C GLU B 138 30.28 -37.90 -2.33
N SER B 139 31.19 -37.47 -1.47
CA SER B 139 31.24 -37.99 -0.11
C SER B 139 30.87 -36.93 0.93
N GLY B 140 30.48 -35.73 0.49
CA GLY B 140 30.12 -34.66 1.40
C GLY B 140 28.68 -34.73 1.84
N ASN B 141 28.22 -33.62 2.40
CA ASN B 141 26.82 -33.55 2.84
C ASN B 141 25.94 -33.39 1.61
N VAL B 142 24.64 -33.63 1.78
CA VAL B 142 23.77 -33.62 0.60
C VAL B 142 23.64 -32.23 0.00
N ARG B 143 23.83 -31.17 0.79
CA ARG B 143 23.80 -29.83 0.23
C ARG B 143 25.04 -29.55 -0.61
N GLN B 144 26.21 -29.95 -0.12
CA GLN B 144 27.41 -29.85 -0.93
C GLN B 144 27.24 -30.59 -2.24
N LYS B 145 26.70 -31.80 -2.17
CA LYS B 145 26.57 -32.64 -3.38
C LYS B 145 25.64 -31.99 -4.39
N SER B 146 24.49 -31.50 -3.94
CA SER B 146 23.53 -30.95 -4.89
C SER B 146 23.96 -29.58 -5.38
N LEU B 147 24.51 -28.74 -4.49
CA LEU B 147 24.97 -27.43 -4.94
C LEU B 147 26.08 -27.59 -5.96
N ALA B 148 26.98 -28.57 -5.77
CA ALA B 148 28.06 -28.79 -6.74
C ALA B 148 27.50 -29.08 -8.13
N VAL B 149 26.49 -29.94 -8.21
CA VAL B 149 25.92 -30.33 -9.49
C VAL B 149 25.26 -29.12 -10.17
N VAL B 150 24.44 -28.38 -9.42
CA VAL B 150 23.72 -27.29 -10.07
C VAL B 150 24.67 -26.13 -10.36
N LEU B 151 25.66 -25.89 -9.50
CA LEU B 151 26.62 -24.83 -9.76
C LEU B 151 27.37 -25.09 -11.04
N ARG B 152 27.83 -26.33 -11.24
CA ARG B 152 28.53 -26.66 -12.46
C ARG B 152 27.67 -26.33 -13.69
N LYS B 153 26.38 -26.66 -13.63
CA LYS B 153 25.47 -26.35 -14.73
C LYS B 153 25.28 -24.85 -14.89
N ALA B 154 25.17 -24.12 -13.77
CA ALA B 154 24.99 -22.67 -13.87
C ALA B 154 26.26 -21.97 -14.35
N ILE B 155 27.45 -22.48 -14.01
CA ILE B 155 28.68 -21.94 -14.61
C ILE B 155 28.67 -22.18 -16.12
N ASP B 156 28.33 -23.40 -16.52
CA ASP B 156 28.51 -23.79 -17.92
C ASP B 156 27.53 -23.09 -18.85
N ILE B 157 26.34 -22.72 -18.35
CA ILE B 157 25.38 -22.03 -19.22
C ILE B 157 25.81 -20.60 -19.47
N ASP B 158 26.63 -20.01 -18.60
CA ASP B 158 27.09 -18.63 -18.75
C ASP B 158 28.47 -18.48 -18.14
N PRO B 159 29.51 -18.92 -18.84
CA PRO B 159 30.85 -18.83 -18.25
C PRO B 159 31.33 -17.40 -18.06
N LYS B 160 30.86 -16.48 -18.89
CA LYS B 160 31.27 -15.08 -18.77
C LYS B 160 30.83 -14.51 -17.43
N GLN B 161 29.62 -14.85 -16.98
CA GLN B 161 29.10 -14.30 -15.73
C GLN B 161 29.46 -15.16 -14.53
N ALA B 162 30.05 -16.34 -14.74
CA ALA B 162 30.24 -17.27 -13.64
C ALA B 162 31.17 -16.75 -12.55
N PRO B 163 32.28 -16.05 -12.84
CA PRO B 163 33.09 -15.53 -11.73
C PRO B 163 32.31 -14.58 -10.84
N ALA B 164 31.49 -13.73 -11.44
CA ALA B 164 30.67 -12.82 -10.65
C ALA B 164 29.64 -13.58 -9.82
N MET B 165 29.09 -14.65 -10.37
CA MET B 165 28.05 -15.41 -9.65
C MET B 165 28.67 -16.10 -8.44
N ILE B 166 29.83 -16.71 -8.66
CA ILE B 166 30.53 -17.37 -7.56
C ILE B 166 30.94 -16.36 -6.49
N GLU B 167 31.43 -15.19 -6.91
CA GLU B 167 31.81 -14.17 -5.95
C GLU B 167 30.60 -13.76 -5.13
N MET B 168 29.45 -13.63 -5.78
CA MET B 168 28.22 -13.32 -5.06
C MET B 168 27.89 -14.40 -4.05
N LEU B 169 27.98 -15.68 -4.45
CA LEU B 169 27.57 -16.75 -3.55
C LEU B 169 28.50 -16.86 -2.35
N ARG B 170 29.81 -16.73 -2.58
CA ARG B 170 30.77 -16.73 -1.47
C ARG B 170 30.51 -15.55 -0.53
N HIS B 171 30.19 -14.48 -1.03
CA HIS B 171 29.90 -13.27 -0.26
C HIS B 171 28.63 -13.44 0.57
N TYR B 172 27.64 -14.02 -0.07
CA TYR B 172 26.43 -14.36 0.68
C TYR B 172 26.78 -15.22 1.90
N LEU B 173 27.49 -16.33 1.68
CA LEU B 173 27.79 -17.22 2.81
C LEU B 173 28.69 -16.52 3.83
N ALA B 174 29.48 -15.54 3.39
CA ALA B 174 30.36 -14.82 4.29
C ALA B 174 29.66 -13.74 5.11
N THR B 175 28.46 -13.32 4.71
CA THR B 175 27.82 -12.15 5.31
C THR B 175 26.41 -12.35 5.83
N PHE B 176 25.66 -13.35 5.36
CA PHE B 176 24.22 -13.36 5.62
C PHE B 176 23.87 -13.73 7.06
N ASP B 177 24.74 -14.49 7.72
CA ASP B 177 24.41 -15.02 9.06
C ASP B 177 25.59 -14.86 10.02
N ASN B 178 26.12 -13.64 10.15
CA ASN B 178 27.31 -13.40 10.99
C ASN B 178 26.91 -12.92 12.39
N ILE B 179 25.62 -12.83 12.68
CA ILE B 179 25.19 -12.27 13.99
C ILE B 179 24.46 -13.33 14.82
N GLY B 180 25.03 -13.71 15.96
CA GLY B 180 24.39 -14.69 16.86
C GLY B 180 23.65 -13.98 17.96
N GLY B 181 23.85 -12.66 18.07
CA GLY B 181 23.23 -11.88 19.14
C GLY B 181 21.87 -11.33 18.79
N ASP B 182 21.54 -10.15 19.32
CA ASP B 182 20.20 -9.63 19.16
C ASP B 182 20.27 -8.16 18.74
N PHE B 183 19.20 -7.74 18.06
CA PHE B 183 19.14 -6.33 17.58
C PHE B 183 18.18 -5.51 18.43
N THR B 184 18.57 -4.29 18.77
CA THR B 184 17.76 -3.39 19.58
C THR B 184 17.33 -2.12 18.87
N ARG B 185 17.81 -1.94 17.64
CA ARG B 185 17.42 -0.77 16.82
C ARG B 185 17.26 -1.20 15.35
N MET B 186 16.27 -0.64 14.66
CA MET B 186 16.00 -0.99 13.24
C MET B 186 17.13 -0.46 12.37
N GLU B 187 17.74 0.64 12.78
CA GLU B 187 18.87 1.24 12.02
C GLU B 187 19.95 0.19 11.81
N GLU B 188 20.19 -0.68 12.80
CA GLU B 188 21.14 -1.76 12.60
C GLU B 188 20.50 -3.05 12.07
N TYR B 189 19.26 -3.35 12.45
CA TYR B 189 18.64 -4.59 11.98
C TYR B 189 18.41 -4.55 10.48
N MET B 190 18.04 -3.39 9.94
CA MET B 190 17.63 -3.33 8.53
C MET B 190 18.77 -3.69 7.57
N PRO B 191 19.97 -3.12 7.68
CA PRO B 191 21.05 -3.57 6.78
C PRO B 191 21.37 -5.04 6.92
N TYR B 192 21.35 -5.54 8.16
CA TYR B 192 21.56 -6.96 8.37
C TYR B 192 20.49 -7.80 7.69
N ARG B 193 19.23 -7.40 7.84
CA ARG B 193 18.15 -8.22 7.32
C ARG B 193 18.16 -8.30 5.81
N ILE B 194 18.60 -7.24 5.11
CA ILE B 194 18.66 -7.34 3.64
C ILE B 194 19.58 -8.47 3.23
N ALA B 195 20.74 -8.58 3.88
CA ALA B 195 21.64 -9.67 3.54
C ALA B 195 21.08 -11.00 4.01
N ASN B 196 20.52 -11.02 5.22
CA ASN B 196 20.12 -12.26 5.87
C ASN B 196 18.95 -12.91 5.15
N CYS B 197 18.09 -12.12 4.53
CA CYS B 197 16.99 -12.69 3.77
C CYS B 197 17.38 -13.17 2.39
N GLY B 198 18.64 -12.96 1.98
CA GLY B 198 19.09 -13.44 0.69
C GLY B 198 18.90 -12.46 -0.44
N TYR B 199 18.50 -11.22 -0.15
CA TYR B 199 18.14 -10.30 -1.23
C TYR B 199 19.30 -10.08 -2.19
N TRP B 200 20.53 -10.00 -1.68
CA TRP B 200 21.62 -9.74 -2.61
C TRP B 200 21.85 -10.92 -3.55
N MET B 201 21.64 -12.14 -3.05
CA MET B 201 21.64 -13.33 -3.91
C MET B 201 20.46 -13.32 -4.88
N SER B 202 19.25 -13.14 -4.37
CA SER B 202 18.08 -13.22 -5.23
C SER B 202 18.10 -12.15 -6.32
N SER B 203 18.49 -10.93 -5.94
CA SER B 203 18.49 -9.84 -6.92
C SER B 203 19.59 -10.00 -7.95
N TYR B 204 20.75 -10.56 -7.54
CA TYR B 204 21.75 -10.96 -8.53
C TYR B 204 21.12 -11.90 -9.54
N PHE B 205 20.38 -12.91 -9.07
CA PHE B 205 19.84 -13.87 -10.02
C PHE B 205 18.69 -13.30 -10.83
N ILE B 206 18.07 -12.20 -10.38
CA ILE B 206 17.08 -11.53 -11.22
C ILE B 206 17.75 -10.98 -12.47
N ARG B 207 18.97 -10.44 -12.34
CA ARG B 207 19.72 -10.01 -13.53
C ARG B 207 20.26 -11.21 -14.31
N TRP B 208 20.91 -12.14 -13.62
CA TRP B 208 21.46 -13.31 -14.29
C TRP B 208 20.38 -14.08 -15.05
N GLY B 209 19.17 -14.17 -14.47
CA GLY B 209 18.08 -14.90 -15.09
C GLY B 209 17.62 -14.29 -16.39
N MET B 210 17.88 -13.00 -16.60
CA MET B 210 17.57 -12.30 -17.84
C MET B 210 18.77 -12.21 -18.77
N ASP B 211 19.88 -12.87 -18.44
CA ASP B 211 21.09 -12.81 -19.26
C ASP B 211 21.57 -11.36 -19.43
N MET B 212 21.62 -10.62 -18.33
CA MET B 212 22.08 -9.24 -18.44
C MET B 212 22.85 -8.86 -17.18
N THR B 213 23.58 -7.76 -17.28
CA THR B 213 24.31 -7.26 -16.12
C THR B 213 24.07 -5.76 -16.03
N LEU B 214 24.39 -5.22 -14.87
CA LEU B 214 24.52 -3.78 -14.69
C LEU B 214 26.00 -3.46 -14.57
N SER B 215 26.42 -2.39 -15.22
CA SER B 215 27.78 -1.88 -15.05
C SER B 215 27.97 -1.33 -13.63
N GLU B 216 29.24 -1.11 -13.27
CA GLU B 216 29.51 -0.55 -11.94
C GLU B 216 28.85 0.81 -11.77
N GLU B 217 28.97 1.67 -12.78
CA GLU B 217 28.35 2.99 -12.72
C GLU B 217 26.83 2.89 -12.76
N GLU B 218 26.30 1.98 -13.59
CA GLU B 218 24.85 1.78 -13.65
C GLU B 218 24.33 1.36 -12.28
N TYR B 219 24.98 0.36 -11.66
CA TYR B 219 24.51 -0.11 -10.36
C TYR B 219 24.62 0.99 -9.31
N ALA B 220 25.73 1.73 -9.31
CA ALA B 220 25.88 2.80 -8.33
C ALA B 220 24.76 3.83 -8.45
N SER B 221 24.27 4.07 -9.67
CA SER B 221 23.22 5.05 -9.90
C SER B 221 21.86 4.61 -9.36
N ILE B 222 21.69 3.34 -8.98
CA ILE B 222 20.42 2.85 -8.46
C ILE B 222 20.62 2.07 -7.16
N GLU B 223 21.78 2.24 -6.51
CA GLU B 223 22.05 1.49 -5.28
C GLU B 223 21.06 1.83 -4.18
N GLN B 224 20.70 3.11 -4.00
CA GLN B 224 19.77 3.44 -2.93
C GLN B 224 18.39 2.88 -3.22
N PHE B 225 17.97 2.93 -4.48
CA PHE B 225 16.74 2.25 -4.88
C PHE B 225 16.79 0.78 -4.52
N ASP B 226 17.89 0.12 -4.88
CA ASP B 226 18.03 -1.31 -4.61
C ASP B 226 17.95 -1.62 -3.12
N ILE B 227 18.58 -0.78 -2.29
CA ILE B 227 18.54 -1.00 -0.85
C ILE B 227 17.11 -0.88 -0.34
N ALA B 228 16.37 0.11 -0.85
CA ALA B 228 14.98 0.26 -0.43
C ALA B 228 14.18 -0.98 -0.78
N MET B 229 14.34 -1.49 -2.02
CA MET B 229 13.65 -2.72 -2.40
C MET B 229 14.08 -3.89 -1.53
N GLY B 230 15.38 -3.97 -1.19
CA GLY B 230 15.82 -5.04 -0.31
C GLY B 230 15.21 -4.95 1.07
N ASN B 231 15.03 -3.72 1.58
CA ASN B 231 14.32 -3.52 2.85
C ASN B 231 12.89 -4.04 2.75
N VAL B 232 12.20 -3.72 1.66
CA VAL B 232 10.83 -4.19 1.46
C VAL B 232 10.79 -5.71 1.52
N LEU B 233 11.69 -6.37 0.80
CA LEU B 233 11.65 -7.82 0.67
C LEU B 233 11.74 -8.50 2.04
N GLY B 234 12.82 -8.24 2.78
CA GLY B 234 13.04 -8.96 4.02
C GLY B 234 12.06 -8.56 5.12
N LEU B 235 11.72 -7.28 5.21
CA LEU B 235 10.79 -6.87 6.24
C LEU B 235 9.38 -7.37 5.96
N THR B 236 9.03 -7.52 4.68
CA THR B 236 7.73 -8.12 4.36
C THR B 236 7.71 -9.59 4.76
N ASN B 237 8.82 -10.31 4.52
CA ASN B 237 8.96 -11.66 5.05
C ASN B 237 8.73 -11.67 6.56
N ASP B 238 9.35 -10.72 7.28
CA ASP B 238 9.14 -10.63 8.72
C ASP B 238 7.68 -10.38 9.06
N TYR B 239 7.05 -9.46 8.35
CA TYR B 239 5.67 -9.10 8.65
C TYR B 239 4.78 -10.32 8.58
N PHE B 240 4.91 -11.12 7.51
CA PHE B 240 4.02 -12.26 7.36
C PHE B 240 4.42 -13.46 8.19
N SER B 241 5.66 -13.52 8.66
CA SER B 241 6.10 -14.65 9.47
C SER B 241 5.85 -14.45 10.95
N TRP B 242 5.41 -13.25 11.37
CA TRP B 242 5.27 -12.97 12.79
C TRP B 242 4.18 -13.81 13.44
N ASN B 243 3.06 -14.02 12.75
CA ASN B 243 1.95 -14.84 13.26
C ASN B 243 2.42 -16.22 13.73
N ASN B 255 13.32 -11.08 13.68
CA ASN B 255 12.09 -10.50 13.14
C ASN B 255 11.95 -9.03 13.53
N GLY B 256 11.62 -8.20 12.53
CA GLY B 256 11.55 -6.77 12.77
C GLY B 256 10.50 -6.37 13.79
N VAL B 257 9.45 -7.16 13.95
CA VAL B 257 8.43 -6.86 15.00
C VAL B 257 9.13 -6.88 16.36
N VAL B 258 9.96 -7.89 16.61
CA VAL B 258 10.67 -7.96 17.89
C VAL B 258 11.61 -6.78 18.07
N VAL B 259 12.37 -6.44 17.03
CA VAL B 259 13.25 -5.28 17.11
C VAL B 259 12.45 -4.04 17.49
N LEU B 260 11.29 -3.87 16.86
CA LEU B 260 10.50 -2.64 17.10
C LEU B 260 9.92 -2.64 18.52
N MET B 261 9.43 -3.78 19.01
CA MET B 261 8.97 -3.78 20.40
C MET B 261 10.10 -3.42 21.36
N LYS B 262 11.31 -3.89 21.09
CA LYS B 262 12.41 -3.59 22.01
C LYS B 262 12.87 -2.15 21.85
N GLU B 263 12.85 -1.61 20.64
CA GLU B 263 13.35 -0.26 20.41
C GLU B 263 12.39 0.78 20.96
N HIS B 264 11.09 0.59 20.78
CA HIS B 264 10.10 1.56 21.20
C HIS B 264 9.27 1.15 22.41
N HIS B 265 9.53 -0.04 22.97
CA HIS B 265 8.88 -0.51 24.19
C HIS B 265 7.36 -0.52 24.04
N THR B 266 6.90 -1.24 23.02
CA THR B 266 5.49 -1.32 22.67
C THR B 266 5.03 -2.77 22.68
N THR B 267 3.72 -2.96 22.52
CA THR B 267 3.19 -4.30 22.35
C THR B 267 3.57 -4.85 20.97
N ALA B 268 3.39 -6.16 20.82
CA ALA B 268 3.62 -6.80 19.53
C ALA B 268 2.68 -6.26 18.46
N ASP B 269 1.42 -6.04 18.83
CA ASP B 269 0.45 -5.55 17.86
C ASP B 269 0.83 -4.16 17.37
N ALA B 270 1.30 -3.31 18.28
CA ALA B 270 1.75 -1.98 17.91
C ALA B 270 2.99 -2.04 17.01
N ALA B 271 3.96 -2.88 17.38
CA ALA B 271 5.17 -3.01 16.57
C ALA B 271 4.88 -3.60 15.20
N LYS B 272 3.91 -4.52 15.12
CA LYS B 272 3.56 -5.07 13.81
C LYS B 272 2.94 -4.00 12.92
N MET B 273 2.14 -3.10 13.50
CA MET B 273 1.62 -2.01 12.69
C MET B 273 2.74 -1.06 12.29
N MET B 274 3.69 -0.83 13.18
CA MET B 274 4.86 0.03 12.85
C MET B 274 5.66 -0.60 11.71
N LEU B 275 5.86 -1.92 11.75
CA LEU B 275 6.61 -2.60 10.70
C LEU B 275 5.94 -2.43 9.35
N LEU B 276 4.61 -2.63 9.31
CA LEU B 276 3.89 -2.46 8.06
C LEU B 276 4.07 -1.05 7.51
N GLY B 277 3.97 -0.03 8.38
CA GLY B 277 4.25 1.33 7.94
C GLY B 277 5.66 1.48 7.38
N VAL B 278 6.66 0.90 8.07
CA VAL B 278 8.03 1.00 7.57
C VAL B 278 8.14 0.38 6.18
N ILE B 279 7.50 -0.77 5.97
CA ILE B 279 7.53 -1.44 4.67
C ILE B 279 6.91 -0.54 3.60
N VAL B 280 5.71 -0.02 3.87
CA VAL B 280 5.03 0.80 2.87
C VAL B 280 5.84 2.05 2.55
N GLU B 281 6.42 2.67 3.57
CA GLU B 281 7.29 3.83 3.34
C GLU B 281 8.49 3.44 2.48
N GLN B 282 9.05 2.24 2.70
CA GLN B 282 10.18 1.80 1.88
C GLN B 282 9.77 1.54 0.44
N GLU B 283 8.57 1.01 0.22
CA GLU B 283 8.05 0.87 -1.14
C GLU B 283 7.93 2.22 -1.80
N SER B 284 7.41 3.24 -1.08
CA SER B 284 7.32 4.57 -1.67
C SER B 284 8.71 5.18 -1.90
N LEU B 285 9.64 4.94 -0.98
CA LEU B 285 10.98 5.47 -1.13
C LEU B 285 11.65 4.89 -2.38
N ALA B 286 11.52 3.58 -2.59
CA ALA B 286 11.99 2.99 -3.84
C ALA B 286 11.38 3.69 -5.05
N ALA B 287 10.05 3.88 -5.04
CA ALA B 287 9.42 4.57 -6.16
C ALA B 287 9.97 5.98 -6.35
N LYS B 288 10.24 6.70 -5.25
CA LYS B 288 10.84 8.02 -5.34
C LYS B 288 12.23 7.96 -5.96
N LEU B 289 13.03 7.01 -5.51
CA LEU B 289 14.40 6.88 -6.00
C LEU B 289 14.42 6.48 -7.47
N LYS B 290 13.51 5.60 -7.88
CA LYS B 290 13.40 5.27 -9.30
C LYS B 290 13.00 6.49 -10.11
N GLU B 291 12.05 7.28 -9.60
CA GLU B 291 11.63 8.46 -10.34
C GLU B 291 12.78 9.44 -10.46
N GLU B 292 13.59 9.56 -9.42
CA GLU B 292 14.78 10.45 -9.48
C GLU B 292 15.76 9.93 -10.54
N ARG B 293 16.06 8.64 -10.52
CA ARG B 293 16.99 8.08 -11.50
C ARG B 293 16.51 8.36 -12.92
N LEU B 294 15.20 8.22 -13.16
CA LEU B 294 14.68 8.35 -14.51
C LEU B 294 14.63 9.79 -14.99
N LYS B 295 15.04 10.75 -14.17
CA LYS B 295 15.21 12.11 -14.65
C LYS B 295 16.45 12.26 -15.53
N LYS B 296 17.39 11.33 -15.43
CA LYS B 296 18.55 11.27 -16.30
C LYS B 296 18.45 10.08 -17.26
N PRO B 297 19.19 10.11 -18.37
CA PRO B 297 19.14 8.99 -19.32
C PRO B 297 19.47 7.66 -18.66
N ALA B 298 18.70 6.65 -19.00
CA ALA B 298 18.86 5.32 -18.42
C ALA B 298 18.92 4.28 -19.53
N SER B 299 19.91 3.41 -19.46
CA SER B 299 20.09 2.35 -20.43
C SER B 299 18.96 1.33 -20.34
N LYS B 300 18.80 0.54 -21.41
CA LYS B 300 17.79 -0.50 -21.37
C LYS B 300 18.06 -1.49 -20.25
N GLU B 301 19.33 -1.68 -19.88
CA GLU B 301 19.64 -2.59 -18.77
C GLU B 301 19.09 -2.05 -17.45
N ILE B 302 19.20 -0.74 -17.22
CA ILE B 302 18.58 -0.12 -16.05
C ILE B 302 17.07 -0.38 -16.05
N LEU B 303 16.42 -0.14 -17.19
CA LEU B 303 14.97 -0.30 -17.26
C LEU B 303 14.56 -1.76 -17.08
N GLN B 304 15.36 -2.68 -17.62
CA GLN B 304 15.10 -4.10 -17.44
C GLN B 304 15.14 -4.47 -15.96
N TYR B 305 16.16 -3.98 -15.25
CA TYR B 305 16.27 -4.32 -13.83
C TYR B 305 15.12 -3.72 -13.04
N PHE B 306 14.75 -2.47 -13.32
CA PHE B 306 13.62 -1.86 -12.60
C PHE B 306 12.39 -2.74 -12.73
N GLU B 307 12.07 -3.16 -13.94
CA GLU B 307 10.78 -3.83 -14.09
C GLU B 307 10.86 -5.24 -13.48
N ALA B 308 12.00 -5.91 -13.62
CA ALA B 308 12.08 -7.28 -13.09
C ALA B 308 12.18 -7.28 -11.58
N ILE B 309 12.89 -6.31 -10.98
CA ILE B 309 13.01 -6.31 -9.53
C ILE B 309 11.69 -5.90 -8.87
N GLU B 310 10.88 -5.08 -9.55
CA GLU B 310 9.55 -4.78 -9.02
C GLU B 310 8.67 -6.03 -9.04
N LEU B 311 8.79 -6.85 -10.07
CA LEU B 311 8.05 -8.12 -10.09
C LEU B 311 8.56 -9.05 -9.00
N TYR B 312 9.84 -8.98 -8.69
CA TYR B 312 10.39 -9.86 -7.63
C TYR B 312 9.79 -9.47 -6.28
N VAL B 313 9.75 -8.17 -6.01
CA VAL B 313 9.29 -7.69 -4.71
C VAL B 313 7.78 -7.81 -4.59
N GLY B 314 7.04 -7.38 -5.61
CA GLY B 314 5.60 -7.57 -5.58
C GLY B 314 5.21 -9.03 -5.55
N GLY B 315 5.88 -9.86 -6.36
CA GLY B 315 5.59 -11.29 -6.33
C GLY B 315 5.87 -11.90 -4.96
N SER B 316 6.93 -11.45 -4.29
CA SER B 316 7.19 -12.00 -2.97
C SER B 316 6.09 -11.61 -1.99
N CYS B 317 5.60 -10.38 -2.08
CA CYS B 317 4.48 -10.00 -1.23
C CYS B 317 3.27 -10.86 -1.51
N TYR B 318 3.01 -11.12 -2.80
CA TYR B 318 1.88 -11.96 -3.20
C TYR B 318 2.03 -13.37 -2.67
N TRP B 319 3.21 -13.97 -2.80
CA TRP B 319 3.40 -15.32 -2.32
C TRP B 319 3.22 -15.40 -0.80
N HIS B 320 3.82 -14.47 -0.05
CA HIS B 320 3.62 -14.48 1.40
C HIS B 320 2.17 -14.19 1.77
N SER B 321 1.46 -13.43 0.92
CA SER B 321 0.08 -13.08 1.22
C SER B 321 -0.85 -14.26 1.06
N THR B 322 -0.55 -15.18 0.15
CA THR B 322 -1.42 -16.29 -0.18
C THR B 322 -0.97 -17.62 0.40
N ALA B 323 0.15 -17.66 1.11
CA ALA B 323 0.75 -18.91 1.58
C ALA B 323 -0.12 -19.60 2.61
#